data_6B1K
#
_entry.id   6B1K
#
_cell.length_a   116.904
_cell.length_b   116.904
_cell.length_c   102.188
_cell.angle_alpha   90.00
_cell.angle_beta   90.00
_cell.angle_gamma   90.00
#
_symmetry.space_group_name_H-M   'I 41 2 2'
#
loop_
_entity.id
_entity.type
_entity.pdbx_description
1 polymer 'Macrophage migration inhibitory factor'
2 non-polymer 2-[1-(4-hydroxyphenyl)-1H-1,2,3-triazol-4-yl]-7-methyl-1,7-naphthyridin-8(7H)-one
3 non-polymer 'SULFATE ION'
4 non-polymer GLYCEROL
5 water water
#
_entity_poly.entity_id   1
_entity_poly.type   'polypeptide(L)'
_entity_poly.pdbx_seq_one_letter_code
;PMFIVNTNVPRASVPDGFLSELTQQLAQATGKPPQYIAVHVVPDQLMAFGGSSEPCALCSLHSIGKIGGAQNRSYSKLLC
GLLAERLRISPDRVYINYYDMNAANVGWNNSTFA
;
_entity_poly.pdbx_strand_id   A,B,C
#
loop_
_chem_comp.id
_chem_comp.type
_chem_comp.name
_chem_comp.formula
C9G non-polymer 2-[1-(4-hydroxyphenyl)-1H-1,2,3-triazol-4-yl]-7-methyl-1,7-naphthyridin-8(7H)-one 'C17 H13 N5 O2'
GOL non-polymer GLYCEROL 'C3 H8 O3'
SO4 non-polymer 'SULFATE ION' 'O4 S -2'
#
# COMPACT_ATOMS: atom_id res chain seq x y z
N PRO A 1 -8.55 13.15 -2.84
CA PRO A 1 -7.27 12.65 -2.34
C PRO A 1 -7.44 11.38 -1.50
N MET A 2 -6.33 10.68 -1.29
CA MET A 2 -6.30 9.45 -0.51
C MET A 2 -5.16 9.56 0.48
N PHE A 3 -5.46 9.39 1.78
CA PHE A 3 -4.46 9.39 2.83
C PHE A 3 -4.53 8.10 3.62
N ILE A 4 -3.39 7.42 3.74
CA ILE A 4 -3.28 6.16 4.44
C ILE A 4 -2.21 6.27 5.51
N VAL A 5 -2.48 5.79 6.72
N VAL A 5 -2.52 5.79 6.72
CA VAL A 5 -1.44 5.69 7.74
CA VAL A 5 -1.60 5.67 7.85
C VAL A 5 -1.47 4.28 8.34
C VAL A 5 -1.51 4.20 8.23
N ASN A 6 -0.34 3.59 8.22
N ASN A 6 -0.29 3.70 8.34
CA ASN A 6 -0.09 2.33 8.90
CA ASN A 6 -0.02 2.36 8.88
C ASN A 6 0.78 2.59 10.12
C ASN A 6 0.88 2.52 10.10
N THR A 7 0.46 1.95 11.23
CA THR A 7 1.19 2.19 12.46
C THR A 7 1.17 0.97 13.36
N ASN A 8 2.21 0.86 14.18
CA ASN A 8 2.28 -0.15 15.23
C ASN A 8 1.56 0.25 16.51
N VAL A 9 1.04 1.48 16.59
N VAL A 9 1.04 1.47 16.61
CA VAL A 9 0.24 1.88 17.75
CA VAL A 9 0.31 1.81 17.83
C VAL A 9 -1.00 1.00 17.84
C VAL A 9 -0.99 1.00 17.86
N PRO A 10 -1.46 0.61 19.03
CA PRO A 10 -2.66 -0.24 19.10
C PRO A 10 -3.95 0.49 18.74
N ARG A 11 -4.93 -0.30 18.28
N ARG A 11 -4.94 -0.30 18.31
CA ARG A 11 -6.21 0.25 17.86
CA ARG A 11 -6.20 0.27 17.84
C ARG A 11 -6.85 1.10 18.95
C ARG A 11 -6.92 1.05 18.93
N ALA A 12 -6.78 0.65 20.20
CA ALA A 12 -7.47 1.36 21.26
C ALA A 12 -6.92 2.75 21.48
N SER A 13 -5.72 3.03 20.99
N SER A 13 -5.72 3.04 20.98
CA SER A 13 -5.12 4.34 21.15
CA SER A 13 -5.11 4.35 21.14
C SER A 13 -5.56 5.34 20.08
C SER A 13 -5.38 5.28 19.96
N VAL A 14 -6.21 4.88 19.01
CA VAL A 14 -6.68 5.76 17.93
C VAL A 14 -7.96 6.43 18.41
N PRO A 15 -8.03 7.76 18.45
CA PRO A 15 -9.26 8.41 18.91
C PRO A 15 -10.42 8.16 17.96
N ASP A 16 -11.63 8.12 18.54
CA ASP A 16 -12.83 7.79 17.75
C ASP A 16 -12.99 8.73 16.56
N GLY A 17 -12.69 10.01 16.73
CA GLY A 17 -12.89 11.01 15.70
C GLY A 17 -11.71 11.24 14.78
N PHE A 18 -10.75 10.33 14.78
CA PHE A 18 -9.51 10.52 14.03
C PHE A 18 -9.74 10.62 12.52
N LEU A 19 -10.56 9.71 11.97
CA LEU A 19 -10.81 9.75 10.52
C LEU A 19 -11.48 11.04 10.11
N SER A 20 -12.45 11.51 10.90
CA SER A 20 -13.12 12.76 10.58
C SER A 20 -12.17 13.95 10.68
N GLU A 21 -11.29 13.94 11.68
CA GLU A 21 -10.33 15.04 11.81
C GLU A 21 -9.36 15.05 10.64
N LEU A 22 -8.84 13.89 10.24
CA LEU A 22 -7.96 13.84 9.09
C LEU A 22 -8.66 14.38 7.85
N THR A 23 -9.93 14.00 7.65
CA THR A 23 -10.67 14.45 6.47
C THR A 23 -10.76 15.98 6.45
N GLN A 24 -11.18 16.57 7.57
N GLN A 24 -11.18 16.57 7.56
CA GLN A 24 -11.37 18.01 7.64
CA GLN A 24 -11.37 18.02 7.59
C GLN A 24 -10.04 18.74 7.50
C GLN A 24 -10.03 18.74 7.49
N GLN A 25 -9.01 18.25 8.19
CA GLN A 25 -7.72 18.92 8.16
C GLN A 25 -7.07 18.82 6.77
N LEU A 26 -7.18 17.67 6.11
CA LEU A 26 -6.63 17.56 4.77
C LEU A 26 -7.38 18.43 3.76
N ALA A 27 -8.71 18.57 3.91
CA ALA A 27 -9.44 19.46 3.01
C ALA A 27 -8.94 20.88 3.14
N GLN A 28 -8.73 21.34 4.37
CA GLN A 28 -8.24 22.70 4.59
C GLN A 28 -6.83 22.86 4.03
N ALA A 29 -5.97 21.86 4.24
CA ALA A 29 -4.56 22.01 3.88
C ALA A 29 -4.37 21.93 2.37
N THR A 30 -5.07 21.00 1.71
CA THR A 30 -4.91 20.82 0.26
C THR A 30 -5.83 21.70 -0.56
N GLY A 31 -6.87 22.27 0.05
CA GLY A 31 -7.89 22.98 -0.69
C GLY A 31 -8.85 22.10 -1.44
N LYS A 32 -8.73 20.77 -1.33
CA LYS A 32 -9.58 19.84 -2.06
C LYS A 32 -10.92 19.68 -1.35
N PRO A 33 -11.98 19.31 -2.07
CA PRO A 33 -13.30 19.24 -1.42
C PRO A 33 -13.34 18.08 -0.44
N PRO A 34 -13.90 18.29 0.75
CA PRO A 34 -13.87 17.23 1.77
C PRO A 34 -14.60 15.97 1.34
N GLN A 35 -15.65 16.10 0.53
CA GLN A 35 -16.42 14.95 0.07
C GLN A 35 -15.62 14.02 -0.83
N TYR A 36 -14.47 14.46 -1.34
CA TYR A 36 -13.60 13.63 -2.16
C TYR A 36 -12.36 13.12 -1.42
N ILE A 37 -12.22 13.41 -0.14
CA ILE A 37 -11.05 12.95 0.61
C ILE A 37 -11.35 11.60 1.27
N ALA A 38 -10.49 10.61 0.98
CA ALA A 38 -10.58 9.29 1.60
C ALA A 38 -9.42 9.13 2.57
N VAL A 39 -9.70 8.54 3.73
N VAL A 39 -9.70 8.55 3.73
CA VAL A 39 -8.73 8.35 4.80
CA VAL A 39 -8.70 8.35 4.77
C VAL A 39 -8.79 6.89 5.24
C VAL A 39 -8.81 6.92 5.31
N HIS A 40 -7.66 6.37 5.70
CA HIS A 40 -7.55 4.97 6.07
C HIS A 40 -6.46 4.86 7.14
N VAL A 41 -6.80 4.24 8.27
N VAL A 41 -6.81 4.33 8.31
CA VAL A 41 -5.87 4.10 9.38
CA VAL A 41 -5.85 4.10 9.38
C VAL A 41 -5.76 2.62 9.74
C VAL A 41 -5.75 2.61 9.64
N VAL A 42 -4.53 2.12 9.80
CA VAL A 42 -4.25 0.70 10.01
C VAL A 42 -3.37 0.55 11.23
N PRO A 43 -3.95 0.27 12.40
CA PRO A 43 -3.15 0.11 13.63
C PRO A 43 -2.64 -1.31 13.82
N ASP A 44 -1.93 -1.53 14.92
CA ASP A 44 -1.51 -2.86 15.36
C ASP A 44 -0.54 -3.54 14.40
N GLN A 45 0.21 -2.78 13.63
CA GLN A 45 1.07 -3.35 12.61
C GLN A 45 2.43 -3.78 13.17
N LEU A 46 3.01 -4.76 12.50
N LEU A 46 2.98 -4.81 12.53
CA LEU A 46 4.34 -5.29 12.81
CA LEU A 46 4.35 -5.28 12.80
C LEU A 46 5.35 -4.50 11.98
C LEU A 46 5.29 -4.44 11.95
N MET A 47 5.98 -3.51 12.58
CA MET A 47 6.90 -2.67 11.87
C MET A 47 8.06 -2.22 12.75
N ALA A 48 9.10 -1.78 12.08
CA ALA A 48 10.28 -1.23 12.74
C ALA A 48 10.76 -0.03 11.95
N PHE A 49 11.44 0.87 12.66
CA PHE A 49 11.99 2.07 12.06
C PHE A 49 13.38 2.19 12.68
N GLY A 50 14.41 2.11 11.85
CA GLY A 50 15.77 2.06 12.36
C GLY A 50 16.06 0.81 13.17
N GLY A 51 15.33 -0.28 12.91
CA GLY A 51 15.50 -1.50 13.67
C GLY A 51 14.83 -1.51 15.02
N SER A 52 14.15 -0.44 15.40
CA SER A 52 13.47 -0.29 16.69
C SER A 52 11.96 -0.39 16.51
N SER A 53 11.27 -0.96 17.50
CA SER A 53 9.82 -1.12 17.43
C SER A 53 9.06 -0.12 18.31
N GLU A 54 9.69 0.99 18.69
CA GLU A 54 8.95 2.08 19.31
C GLU A 54 7.89 2.60 18.32
N PRO A 55 6.92 3.38 18.80
CA PRO A 55 5.85 3.85 17.89
C PRO A 55 6.41 4.51 16.64
N CYS A 56 5.82 4.16 15.52
CA CYS A 56 6.20 4.71 14.22
C CYS A 56 4.98 4.68 13.25
N ALA A 57 5.12 5.34 12.13
CA ALA A 57 4.04 5.32 11.14
C ALA A 57 4.62 5.44 9.75
N LEU A 58 3.99 4.74 8.82
CA LEU A 58 4.31 4.77 7.40
C LEU A 58 3.04 5.17 6.66
N CYS A 59 3.11 6.24 5.89
CA CYS A 59 1.92 6.89 5.36
C CYS A 59 2.08 7.20 3.88
N SER A 60 0.95 7.49 3.24
CA SER A 60 0.95 8.00 1.87
C SER A 60 -0.16 9.01 1.70
N LEU A 61 0.09 9.99 0.84
CA LEU A 61 -0.92 10.93 0.38
C LEU A 61 -0.86 10.97 -1.14
N HIS A 62 -1.98 10.61 -1.79
CA HIS A 62 -2.13 10.73 -3.23
C HIS A 62 -3.10 11.86 -3.53
N SER A 63 -2.77 12.69 -4.52
CA SER A 63 -3.64 13.78 -4.93
C SER A 63 -3.35 14.12 -6.38
N ILE A 64 -4.37 14.55 -7.11
CA ILE A 64 -4.22 15.12 -8.45
C ILE A 64 -3.86 16.59 -8.26
N GLY A 65 -2.59 16.91 -8.38
CA GLY A 65 -2.11 18.23 -8.05
C GLY A 65 -2.08 18.49 -6.55
N LYS A 66 -1.74 19.75 -6.22
CA LYS A 66 -1.58 20.20 -4.84
C LYS A 66 -0.43 19.48 -4.14
N ILE A 67 0.53 18.98 -4.93
CA ILE A 67 1.71 18.28 -4.43
C ILE A 67 2.92 19.03 -4.93
N GLY A 68 3.85 19.35 -4.04
CA GLY A 68 5.01 20.10 -4.46
C GLY A 68 5.88 20.42 -3.26
N GLY A 69 6.99 21.08 -3.55
CA GLY A 69 7.99 21.32 -2.52
C GLY A 69 7.45 21.92 -1.24
N ALA A 70 6.94 23.14 -1.30
CA ALA A 70 6.49 23.81 -0.09
C ALA A 70 5.21 23.19 0.45
N GLN A 71 4.31 22.78 -0.44
CA GLN A 71 3.06 22.20 0.02
C GLN A 71 3.33 20.94 0.82
N ASN A 72 4.23 20.08 0.34
CA ASN A 72 4.48 18.82 1.03
C ASN A 72 5.10 19.06 2.40
N ARG A 73 5.96 20.08 2.53
CA ARG A 73 6.48 20.41 3.84
C ARG A 73 5.35 20.80 4.79
N SER A 74 4.38 21.57 4.29
N SER A 74 4.39 21.57 4.28
CA SER A 74 3.24 21.96 5.11
CA SER A 74 3.25 21.96 5.10
C SER A 74 2.37 20.76 5.48
C SER A 74 2.40 20.75 5.49
N TYR A 75 2.15 19.84 4.54
CA TYR A 75 1.38 18.64 4.86
C TYR A 75 2.10 17.81 5.91
N SER A 76 3.42 17.73 5.82
CA SER A 76 4.17 16.91 6.78
C SER A 76 4.08 17.51 8.17
N LYS A 77 4.16 18.83 8.28
CA LYS A 77 4.01 19.45 9.59
C LYS A 77 2.63 19.17 10.16
N LEU A 78 1.59 19.30 9.34
CA LEU A 78 0.24 19.03 9.78
C LEU A 78 0.10 17.58 10.24
N LEU A 79 0.51 16.64 9.37
CA LEU A 79 0.25 15.23 9.61
C LEU A 79 1.14 14.67 10.73
N CYS A 80 2.43 15.04 10.75
CA CYS A 80 3.27 14.63 11.88
C CYS A 80 2.74 15.21 13.18
N GLY A 81 2.23 16.45 13.15
CA GLY A 81 1.67 17.03 14.35
C GLY A 81 0.52 16.22 14.88
N LEU A 82 -0.40 15.83 13.98
CA LEU A 82 -1.53 15.00 14.38
C LEU A 82 -1.09 13.64 14.89
N LEU A 83 -0.14 13.00 14.21
CA LEU A 83 0.32 11.69 14.66
C LEU A 83 1.02 11.79 16.03
N ALA A 84 1.75 12.87 16.27
CA ALA A 84 2.38 13.07 17.56
C ALA A 84 1.34 13.33 18.65
N GLU A 85 0.41 14.24 18.40
CA GLU A 85 -0.55 14.64 19.43
C GLU A 85 -1.60 13.57 19.68
N ARG A 86 -2.08 12.91 18.62
CA ARG A 86 -3.18 11.95 18.74
C ARG A 86 -2.69 10.54 19.03
N LEU A 87 -1.59 10.12 18.42
CA LEU A 87 -1.12 8.74 18.54
C LEU A 87 0.20 8.61 19.31
N ARG A 88 0.78 9.73 19.74
CA ARG A 88 2.02 9.72 20.52
C ARG A 88 3.20 9.12 19.75
N ILE A 89 3.25 9.39 18.44
CA ILE A 89 4.34 8.95 17.58
C ILE A 89 5.29 10.12 17.35
N SER A 90 6.58 9.91 17.61
N SER A 90 6.58 9.91 17.59
CA SER A 90 7.57 10.95 17.37
CA SER A 90 7.56 10.96 17.38
C SER A 90 7.61 11.28 15.87
C SER A 90 7.66 11.29 15.89
N PRO A 91 7.66 12.57 15.51
CA PRO A 91 7.76 12.91 14.07
C PRO A 91 8.94 12.31 13.35
N ASP A 92 10.05 12.05 14.05
CA ASP A 92 11.22 11.46 13.38
C ASP A 92 11.06 9.97 13.16
N ARG A 93 9.91 9.40 13.50
CA ARG A 93 9.59 8.00 13.20
C ARG A 93 8.34 7.91 12.33
N VAL A 94 8.13 8.95 11.51
CA VAL A 94 7.05 8.98 10.53
C VAL A 94 7.65 9.20 9.16
N TYR A 95 7.22 8.39 8.19
CA TYR A 95 7.49 8.64 6.77
C TYR A 95 6.16 8.80 6.03
N ILE A 96 6.13 9.73 5.08
CA ILE A 96 4.98 9.97 4.23
C ILE A 96 5.45 9.99 2.78
N ASN A 97 4.94 9.09 1.96
CA ASN A 97 5.16 9.16 0.51
C ASN A 97 4.07 10.00 -0.12
N TYR A 98 4.47 11.05 -0.84
CA TYR A 98 3.56 11.92 -1.58
C TYR A 98 3.56 11.52 -3.05
N TYR A 99 2.37 11.44 -3.64
CA TYR A 99 2.20 11.08 -5.05
C TYR A 99 1.32 12.13 -5.72
N ASP A 100 1.87 12.76 -6.76
CA ASP A 100 1.11 13.66 -7.63
C ASP A 100 0.58 12.80 -8.76
N MET A 101 -0.68 12.42 -8.69
CA MET A 101 -1.26 11.49 -9.65
C MET A 101 -1.83 12.22 -10.85
N ASN A 102 -1.61 11.65 -12.03
N ASN A 102 -1.61 11.64 -12.03
CA ASN A 102 -2.30 12.10 -13.21
CA ASN A 102 -2.32 12.08 -13.22
C ASN A 102 -3.77 11.71 -13.10
C ASN A 102 -3.78 11.69 -13.11
N ALA A 103 -4.67 12.61 -13.51
CA ALA A 103 -6.10 12.33 -13.42
C ALA A 103 -6.50 11.07 -14.16
N ALA A 104 -5.80 10.76 -15.26
CA ALA A 104 -6.09 9.55 -16.03
C ALA A 104 -5.72 8.27 -15.28
N ASN A 105 -4.93 8.39 -14.21
CA ASN A 105 -4.48 7.24 -13.43
C ASN A 105 -5.20 7.14 -12.09
N VAL A 106 -6.34 7.82 -11.94
CA VAL A 106 -7.17 7.71 -10.75
C VAL A 106 -8.57 7.32 -11.16
N GLY A 107 -8.94 6.08 -10.86
CA GLY A 107 -10.28 5.59 -11.11
C GLY A 107 -11.23 5.95 -10.00
N TRP A 108 -12.48 6.20 -10.38
CA TRP A 108 -13.53 6.62 -9.46
C TRP A 108 -14.87 6.54 -10.21
N ASN A 109 -15.88 5.97 -9.57
CA ASN A 109 -17.25 6.00 -10.08
C ASN A 109 -17.34 5.55 -11.53
N ASN A 110 -16.76 4.38 -11.81
CA ASN A 110 -16.89 3.70 -13.09
C ASN A 110 -16.04 4.33 -14.18
N SER A 111 -15.20 5.32 -13.89
CA SER A 111 -14.36 5.97 -14.91
C SER A 111 -13.09 6.45 -14.22
N THR A 112 -12.45 7.47 -14.80
CA THR A 112 -11.32 8.14 -14.16
C THR A 112 -11.64 9.62 -14.06
N PHE A 113 -10.75 10.36 -13.40
CA PHE A 113 -10.94 11.80 -13.25
C PHE A 113 -10.53 12.60 -14.49
N ALA A 114 -9.92 11.98 -15.48
CA ALA A 114 -9.53 12.68 -16.70
C ALA A 114 -10.74 13.16 -17.48
N PRO B 1 14.77 4.68 3.68
CA PRO B 1 13.97 3.82 2.80
C PRO B 1 12.79 3.18 3.53
N MET B 2 11.83 2.68 2.76
CA MET B 2 10.64 2.02 3.29
C MET B 2 10.46 0.68 2.56
N PHE B 3 10.41 -0.42 3.29
CA PHE B 3 10.16 -1.74 2.71
C PHE B 3 8.93 -2.37 3.37
N ILE B 4 7.97 -2.78 2.55
CA ILE B 4 6.73 -3.39 3.02
C ILE B 4 6.57 -4.76 2.37
N VAL B 5 6.18 -5.74 3.19
N VAL B 5 6.21 -5.77 3.15
CA VAL B 5 5.83 -7.10 2.79
CA VAL B 5 5.88 -7.08 2.61
C VAL B 5 4.39 -7.37 3.22
C VAL B 5 4.54 -7.53 3.17
N ASN B 6 3.55 -7.77 2.27
N ASN B 6 3.58 -7.72 2.27
CA ASN B 6 2.21 -8.28 2.55
CA ASN B 6 2.27 -8.29 2.58
C ASN B 6 2.15 -9.73 2.10
C ASN B 6 2.27 -9.74 2.15
N THR B 7 1.75 -10.63 3.01
CA THR B 7 1.83 -12.05 2.72
C THR B 7 0.66 -12.80 3.35
N ASN B 8 0.31 -13.93 2.72
CA ASN B 8 -0.65 -14.86 3.29
C ASN B 8 -0.03 -15.82 4.30
N VAL B 9 1.29 -15.80 4.47
N VAL B 9 1.29 -15.82 4.48
CA VAL B 9 1.94 -16.62 5.49
CA VAL B 9 1.83 -16.74 5.46
C VAL B 9 1.41 -16.23 6.87
C VAL B 9 1.41 -16.26 6.86
N PRO B 10 1.17 -17.18 7.78
CA PRO B 10 0.64 -16.80 9.09
C PRO B 10 1.66 -16.10 9.96
N ARG B 11 1.16 -15.28 10.88
CA ARG B 11 2.03 -14.50 11.76
C ARG B 11 3.02 -15.37 12.53
N ALA B 12 2.59 -16.55 12.98
CA ALA B 12 3.46 -17.39 13.78
C ALA B 12 4.63 -17.93 12.98
N SER B 13 4.57 -17.89 11.66
N SER B 13 4.58 -17.90 11.65
CA SER B 13 5.64 -18.34 10.79
CA SER B 13 5.70 -18.37 10.86
C SER B 13 6.63 -17.25 10.43
C SER B 13 6.77 -17.29 10.66
N VAL B 14 6.48 -16.03 10.95
CA VAL B 14 7.45 -14.96 10.76
C VAL B 14 8.48 -15.09 11.88
N PRO B 15 9.75 -15.34 11.60
CA PRO B 15 10.71 -15.56 12.68
C PRO B 15 11.02 -14.29 13.45
N ASP B 16 11.31 -14.50 14.73
N ASP B 16 11.40 -14.44 14.72
CA ASP B 16 12.01 -13.52 15.54
CA ASP B 16 11.47 -13.26 15.60
C ASP B 16 13.30 -13.12 14.86
C ASP B 16 12.37 -12.14 15.07
N GLY B 17 13.49 -11.82 14.72
N GLY B 17 13.51 -12.49 14.48
CA GLY B 17 14.62 -11.29 14.01
CA GLY B 17 14.49 -11.52 14.05
C GLY B 17 14.33 -10.92 12.56
C GLY B 17 14.31 -10.99 12.63
N PHE B 18 13.17 -11.28 12.02
CA PHE B 18 12.95 -11.03 10.59
C PHE B 18 13.06 -9.53 10.24
N LEU B 19 12.40 -8.67 11.02
N LEU B 19 12.41 -8.66 11.02
CA LEU B 19 12.45 -7.23 10.72
CA LEU B 19 12.45 -7.25 10.68
C LEU B 19 13.85 -6.68 10.87
C LEU B 19 13.84 -6.65 10.89
N SER B 20 14.57 -7.12 11.90
CA SER B 20 15.94 -6.65 12.09
C SER B 20 16.85 -7.15 10.98
N GLU B 21 16.65 -8.41 10.54
CA GLU B 21 17.45 -8.93 9.44
C GLU B 21 17.18 -8.15 8.16
N LEU B 22 15.89 -7.88 7.86
CA LEU B 22 15.55 -7.08 6.68
C LEU B 22 16.23 -5.71 6.73
N THR B 23 16.19 -5.07 7.89
CA THR B 23 16.78 -3.74 8.01
C THR B 23 18.27 -3.76 7.71
N GLN B 24 18.99 -4.73 8.29
CA GLN B 24 20.43 -4.82 8.10
C GLN B 24 20.78 -5.21 6.67
N GLN B 25 20.04 -6.14 6.07
CA GLN B 25 20.35 -6.56 4.71
C GLN B 25 20.05 -5.45 3.72
N LEU B 26 18.97 -4.69 3.93
CA LEU B 26 18.67 -3.56 3.05
C LEU B 26 19.73 -2.47 3.14
N ALA B 27 20.22 -2.18 4.34
CA ALA B 27 21.30 -1.20 4.48
C ALA B 27 22.53 -1.61 3.69
N GLN B 28 22.90 -2.89 3.76
CA GLN B 28 24.05 -3.38 3.02
C GLN B 28 23.86 -3.28 1.51
N ALA B 29 22.68 -3.67 1.02
CA ALA B 29 22.49 -3.71 -0.43
C ALA B 29 22.35 -2.31 -1.03
N THR B 30 21.73 -1.38 -0.30
CA THR B 30 21.45 -0.05 -0.83
C THR B 30 22.50 0.98 -0.47
N GLY B 31 23.27 0.75 0.60
CA GLY B 31 24.15 1.77 1.13
C GLY B 31 23.47 2.80 1.99
N LYS B 32 22.14 2.72 2.16
CA LYS B 32 21.43 3.70 2.97
C LYS B 32 21.65 3.42 4.46
N PRO B 33 21.61 4.46 5.29
CA PRO B 33 21.90 4.27 6.72
C PRO B 33 20.78 3.52 7.41
N PRO B 34 21.10 2.50 8.21
CA PRO B 34 20.04 1.66 8.79
C PRO B 34 19.10 2.40 9.73
N GLN B 35 19.58 3.47 10.38
CA GLN B 35 18.73 4.24 11.28
C GLN B 35 17.53 4.87 10.57
N TYR B 36 17.58 4.97 9.25
CA TYR B 36 16.53 5.56 8.44
C TYR B 36 15.73 4.53 7.66
N ILE B 37 15.98 3.24 7.86
CA ILE B 37 15.26 2.23 7.10
C ILE B 37 14.06 1.76 7.93
N ALA B 38 12.88 1.80 7.32
CA ALA B 38 11.65 1.33 7.93
C ALA B 38 11.20 0.06 7.24
N VAL B 39 10.74 -0.92 8.03
N VAL B 39 10.73 -0.90 8.04
CA VAL B 39 10.29 -2.21 7.49
CA VAL B 39 10.29 -2.22 7.56
C VAL B 39 8.96 -2.59 8.13
C VAL B 39 8.90 -2.49 8.11
N HIS B 40 8.09 -3.21 7.33
CA HIS B 40 6.71 -3.47 7.74
C HIS B 40 6.30 -4.80 7.13
N VAL B 41 5.84 -5.72 7.98
N VAL B 41 5.94 -5.77 7.97
CA VAL B 41 5.46 -7.06 7.56
CA VAL B 41 5.46 -7.07 7.52
C VAL B 41 4.00 -7.29 7.93
C VAL B 41 3.99 -7.20 7.89
N VAL B 42 3.20 -7.70 6.95
CA VAL B 42 1.75 -7.85 7.13
C VAL B 42 1.39 -9.29 6.81
N PRO B 43 1.32 -10.16 7.82
CA PRO B 43 0.98 -11.57 7.59
C PRO B 43 -0.52 -11.83 7.56
N ASP B 44 -0.90 -13.08 7.32
CA ASP B 44 -2.29 -13.53 7.41
C ASP B 44 -3.21 -12.87 6.38
N GLN B 45 -2.69 -12.44 5.26
CA GLN B 45 -3.50 -11.72 4.29
C GLN B 45 -4.27 -12.65 3.36
N LEU B 46 -5.43 -12.17 2.92
N LEU B 46 -5.41 -12.15 2.90
CA LEU B 46 -6.25 -12.84 1.91
CA LEU B 46 -6.26 -12.82 1.91
C LEU B 46 -5.73 -12.40 0.55
C LEU B 46 -5.76 -12.41 0.53
N MET B 47 -4.91 -13.25 -0.05
CA MET B 47 -4.30 -12.91 -1.33
C MET B 47 -4.07 -14.18 -2.11
N ALA B 48 -3.91 -14.02 -3.42
CA ALA B 48 -3.64 -15.12 -4.31
C ALA B 48 -2.66 -14.64 -5.36
N PHE B 49 -1.92 -15.60 -5.91
CA PHE B 49 -0.98 -15.34 -6.99
C PHE B 49 -1.29 -16.39 -8.04
N GLY B 50 -1.69 -15.95 -9.24
CA GLY B 50 -2.12 -16.89 -10.25
C GLY B 50 -3.34 -17.69 -9.85
N GLY B 51 -4.20 -17.14 -9.00
CA GLY B 51 -5.37 -17.84 -8.52
C GLY B 51 -5.09 -18.84 -7.42
N SER B 52 -3.84 -19.01 -7.02
CA SER B 52 -3.43 -20.02 -6.04
C SER B 52 -3.20 -19.38 -4.70
N SER B 53 -3.57 -20.11 -3.64
N SER B 53 -3.57 -20.11 -3.64
CA SER B 53 -3.41 -19.66 -2.26
CA SER B 53 -3.40 -19.66 -2.26
C SER B 53 -2.11 -20.18 -1.61
C SER B 53 -2.13 -20.21 -1.61
N GLU B 54 -1.21 -20.78 -2.38
CA GLU B 54 0.08 -21.13 -1.83
C GLU B 54 0.80 -19.86 -1.36
N PRO B 55 1.81 -19.99 -0.49
CA PRO B 55 2.48 -18.80 0.04
C PRO B 55 2.93 -17.87 -1.07
N CYS B 56 2.67 -16.57 -0.87
CA CYS B 56 3.03 -15.53 -1.82
C CYS B 56 3.26 -14.23 -1.06
N ALA B 57 3.84 -13.24 -1.74
CA ALA B 57 4.10 -11.95 -1.12
C ALA B 57 4.03 -10.85 -2.15
N LEU B 58 3.47 -9.71 -1.71
CA LEU B 58 3.38 -8.49 -2.50
C LEU B 58 4.09 -7.41 -1.69
N CYS B 59 5.10 -6.79 -2.29
CA CYS B 59 6.05 -5.96 -1.56
C CYS B 59 6.29 -4.63 -2.28
N SER B 60 6.87 -3.69 -1.54
CA SER B 60 7.33 -2.44 -2.13
C SER B 60 8.61 -1.98 -1.45
N LEU B 61 9.47 -1.33 -2.22
CA LEU B 61 10.65 -0.63 -1.69
C LEU B 61 10.65 0.79 -2.26
N HIS B 62 10.62 1.77 -1.36
CA HIS B 62 10.75 3.19 -1.71
C HIS B 62 12.09 3.68 -1.21
N SER B 63 12.79 4.46 -2.03
CA SER B 63 14.06 5.05 -1.65
C SER B 63 14.27 6.32 -2.46
N ILE B 64 14.97 7.30 -1.86
CA ILE B 64 15.45 8.47 -2.57
C ILE B 64 16.77 8.07 -3.19
N GLY B 65 16.77 7.80 -4.49
CA GLY B 65 17.94 7.26 -5.15
C GLY B 65 18.15 5.79 -4.80
N LYS B 66 19.27 5.25 -5.30
CA LYS B 66 19.65 3.86 -5.12
C LYS B 66 18.71 2.90 -5.85
N ILE B 67 17.89 3.42 -6.76
CA ILE B 67 16.94 2.63 -7.53
C ILE B 67 17.36 2.67 -9.00
N GLY B 68 17.45 1.51 -9.65
CA GLY B 68 17.84 1.49 -11.04
C GLY B 68 17.87 0.07 -11.55
N GLY B 69 18.30 -0.10 -12.79
CA GLY B 69 18.23 -1.41 -13.41
C GLY B 69 18.98 -2.49 -12.64
N ALA B 70 20.31 -2.36 -12.58
CA ALA B 70 21.12 -3.34 -11.89
C ALA B 70 20.83 -3.39 -10.39
N GLN B 71 20.61 -2.23 -9.83
N GLN B 71 20.61 -2.22 -9.82
CA GLN B 71 20.36 -2.23 -8.38
CA GLN B 71 20.35 -2.26 -8.37
C GLN B 71 19.04 -3.03 -8.03
C GLN B 71 19.04 -3.05 -8.04
N ASN B 72 18.00 -2.77 -8.81
CA ASN B 72 16.75 -3.43 -8.49
C ASN B 72 16.84 -4.93 -8.74
N ARG B 73 17.63 -5.35 -9.73
CA ARG B 73 17.84 -6.80 -9.88
C ARG B 73 18.51 -7.36 -8.64
N SER B 74 19.50 -6.65 -8.08
N SER B 74 19.51 -6.66 -8.10
CA SER B 74 20.17 -7.14 -6.90
CA SER B 74 20.18 -7.10 -6.89
C SER B 74 19.25 -7.15 -5.68
C SER B 74 19.23 -7.15 -5.70
N TYR B 75 18.39 -6.14 -5.55
CA TYR B 75 17.47 -6.14 -4.42
C TYR B 75 16.49 -7.29 -4.53
N SER B 76 16.07 -7.61 -5.75
CA SER B 76 15.11 -8.69 -5.95
C SER B 76 15.70 -10.04 -5.57
N LYS B 77 16.95 -10.26 -5.94
CA LYS B 77 17.63 -11.50 -5.55
C LYS B 77 17.74 -11.58 -4.03
N LEU B 78 18.15 -10.49 -3.40
CA LEU B 78 18.30 -10.46 -1.95
C LEU B 78 16.97 -10.73 -1.25
N LEU B 79 15.94 -9.99 -1.65
CA LEU B 79 14.66 -10.04 -0.94
C LEU B 79 13.92 -11.35 -1.21
N CYS B 80 13.92 -11.82 -2.46
CA CYS B 80 13.36 -13.15 -2.71
C CYS B 80 14.11 -14.20 -1.92
N GLY B 81 15.43 -14.08 -1.85
CA GLY B 81 16.20 -15.05 -1.07
C GLY B 81 15.75 -15.10 0.38
N LEU B 82 15.58 -13.93 0.99
CA LEU B 82 15.12 -13.88 2.38
C LEU B 82 13.70 -14.40 2.54
N LEU B 83 12.80 -14.03 1.63
CA LEU B 83 11.43 -14.51 1.76
C LEU B 83 11.35 -16.02 1.58
N ALA B 84 12.19 -16.58 0.71
CA ALA B 84 12.23 -18.03 0.53
C ALA B 84 12.79 -18.71 1.76
N GLU B 85 13.90 -18.23 2.25
CA GLU B 85 14.56 -18.93 3.37
C GLU B 85 13.79 -18.76 4.68
N ARG B 86 13.28 -17.55 4.92
CA ARG B 86 12.67 -17.24 6.21
C ARG B 86 11.17 -17.49 6.25
N LEU B 87 10.45 -17.19 5.16
CA LEU B 87 9.00 -17.35 5.15
C LEU B 87 8.55 -18.52 4.27
N ARG B 88 9.47 -19.20 3.60
CA ARG B 88 9.16 -20.36 2.77
C ARG B 88 8.27 -19.99 1.59
N ILE B 89 8.48 -18.80 1.02
CA ILE B 89 7.74 -18.32 -0.15
C ILE B 89 8.62 -18.50 -1.38
N SER B 90 8.10 -19.18 -2.39
N SER B 90 8.09 -19.18 -2.40
CA SER B 90 8.84 -19.37 -3.62
CA SER B 90 8.84 -19.37 -3.63
C SER B 90 9.07 -18.02 -4.32
C SER B 90 9.07 -18.02 -4.32
N PRO B 91 10.27 -17.77 -4.85
CA PRO B 91 10.53 -16.48 -5.52
C PRO B 91 9.57 -16.15 -6.66
N ASP B 92 9.04 -17.16 -7.34
CA ASP B 92 8.09 -16.94 -8.42
C ASP B 92 6.72 -16.52 -7.93
N ARG B 93 6.55 -16.46 -6.61
CA ARG B 93 5.29 -15.96 -6.03
C ARG B 93 5.49 -14.67 -5.20
N VAL B 94 6.50 -13.91 -5.60
CA VAL B 94 6.81 -12.62 -4.99
C VAL B 94 6.83 -11.54 -6.06
N TYR B 95 6.11 -10.45 -5.83
CA TYR B 95 6.23 -9.22 -6.61
C TYR B 95 6.71 -8.09 -5.71
N ILE B 96 7.61 -7.25 -6.24
CA ILE B 96 8.13 -6.09 -5.52
C ILE B 96 8.03 -4.87 -6.44
N ASN B 97 7.31 -3.84 -6.00
CA ASN B 97 7.31 -2.56 -6.71
C ASN B 97 8.40 -1.66 -6.16
N TYR B 98 9.28 -1.18 -7.03
CA TYR B 98 10.35 -0.25 -6.67
C TYR B 98 9.96 1.17 -7.06
N TYR B 99 10.19 2.11 -6.14
CA TYR B 99 9.89 3.52 -6.35
C TYR B 99 11.12 4.35 -6.03
N ASP B 100 11.61 5.08 -7.03
CA ASP B 100 12.65 6.09 -6.85
C ASP B 100 11.93 7.39 -6.52
N MET B 101 11.91 7.74 -5.24
CA MET B 101 11.16 8.89 -4.77
C MET B 101 11.99 10.16 -4.87
N ASN B 102 11.39 11.22 -5.38
CA ASN B 102 11.97 12.55 -5.24
C ASN B 102 11.99 12.94 -3.77
N ALA B 103 13.11 13.50 -3.32
CA ALA B 103 13.24 13.86 -1.91
C ALA B 103 12.16 14.85 -1.47
N ALA B 104 11.68 15.69 -2.38
CA ALA B 104 10.62 16.65 -2.05
C ALA B 104 9.29 15.96 -1.81
N ASN B 105 9.15 14.69 -2.23
CA ASN B 105 7.94 13.90 -2.08
C ASN B 105 8.04 12.87 -0.97
N VAL B 106 8.99 13.02 -0.06
CA VAL B 106 9.11 12.15 1.10
C VAL B 106 9.04 13.02 2.37
N GLY B 107 7.95 12.87 3.11
CA GLY B 107 7.79 13.56 4.38
C GLY B 107 8.42 12.78 5.52
N TRP B 108 8.97 13.53 6.48
CA TRP B 108 9.66 12.99 7.63
C TRP B 108 9.88 14.13 8.61
N ASN B 109 9.66 13.88 9.90
CA ASN B 109 10.07 14.82 10.94
C ASN B 109 9.55 16.24 10.68
N ASN B 110 8.24 16.35 10.40
CA ASN B 110 7.54 17.64 10.26
C ASN B 110 7.88 18.38 8.97
N SER B 111 8.66 17.76 8.07
CA SER B 111 9.01 18.42 6.81
C SER B 111 9.24 17.37 5.74
N THR B 112 10.12 17.63 4.79
CA THR B 112 10.47 16.65 3.77
C THR B 112 11.99 16.60 3.69
N PHE B 113 12.49 15.77 2.79
CA PHE B 113 13.92 15.68 2.56
C PHE B 113 14.43 16.67 1.51
N ALA B 114 13.59 17.61 1.05
CA ALA B 114 14.07 18.64 0.13
C ALA B 114 13.26 19.95 0.18
N PRO C 1 0.46 -8.49 -13.21
CA PRO C 1 -0.17 -7.37 -12.53
C PRO C 1 -0.46 -7.65 -11.06
N MET C 2 -0.66 -6.58 -10.31
CA MET C 2 -0.99 -6.63 -8.90
C MET C 2 -2.23 -5.77 -8.68
N PHE C 3 -3.28 -6.35 -8.09
CA PHE C 3 -4.50 -5.63 -7.75
C PHE C 3 -4.78 -5.78 -6.26
N ILE C 4 -4.92 -4.65 -5.56
CA ILE C 4 -5.19 -4.61 -4.13
C ILE C 4 -6.49 -3.85 -3.89
N VAL C 5 -7.35 -4.41 -3.03
N VAL C 5 -7.37 -4.39 -3.06
CA VAL C 5 -8.57 -3.78 -2.54
CA VAL C 5 -8.56 -3.64 -2.63
C VAL C 5 -8.45 -3.68 -1.02
C VAL C 5 -8.64 -3.66 -1.11
N ASN C 6 -8.63 -2.47 -0.48
N ASN C 6 -8.59 -2.48 -0.52
CA ASN C 6 -8.79 -2.26 0.95
CA ASN C 6 -8.80 -2.29 0.91
C ASN C 6 -10.18 -1.69 1.19
C ASN C 6 -10.22 -1.77 1.11
N THR C 7 -10.94 -2.32 2.10
CA THR C 7 -12.33 -1.93 2.28
C THR C 7 -12.75 -2.09 3.73
N ASN C 8 -13.74 -1.28 4.11
CA ASN C 8 -14.39 -1.43 5.41
C ASN C 8 -15.48 -2.49 5.43
N VAL C 9 -15.79 -3.11 4.31
N VAL C 9 -15.82 -3.11 4.33
CA VAL C 9 -16.75 -4.23 4.27
CA VAL C 9 -16.86 -4.14 4.42
C VAL C 9 -16.23 -5.35 5.17
C VAL C 9 -16.28 -5.35 5.14
N PRO C 10 -17.07 -6.06 5.92
CA PRO C 10 -16.55 -7.14 6.76
C PRO C 10 -16.15 -8.37 5.96
N ARG C 11 -15.20 -9.12 6.52
CA ARG C 11 -14.66 -10.30 5.86
C ARG C 11 -15.77 -11.26 5.43
N ALA C 12 -16.80 -11.44 6.28
CA ALA C 12 -17.84 -12.41 5.97
C ALA C 12 -18.64 -12.04 4.74
N SER C 13 -18.59 -10.77 4.33
N SER C 13 -18.61 -10.78 4.32
CA SER C 13 -19.32 -10.29 3.17
CA SER C 13 -19.36 -10.36 3.14
C SER C 13 -18.49 -10.34 1.88
C SER C 13 -18.57 -10.57 1.84
N VAL C 14 -17.29 -10.89 1.91
CA VAL C 14 -16.51 -11.15 0.71
C VAL C 14 -16.88 -12.55 0.21
N PRO C 15 -17.49 -12.70 -0.97
CA PRO C 15 -17.95 -14.04 -1.38
C PRO C 15 -16.78 -14.96 -1.69
N ASP C 16 -17.05 -16.24 -1.44
N ASP C 16 -17.03 -16.28 -1.60
CA ASP C 16 -16.21 -17.30 -1.98
CA ASP C 16 -15.93 -17.24 -1.64
C ASP C 16 -16.12 -17.13 -3.49
C ASP C 16 -15.02 -17.11 -2.87
N GLY C 17 -14.91 -17.26 -4.01
N GLY C 17 -15.61 -16.97 -4.06
CA GLY C 17 -14.63 -17.11 -5.42
CA GLY C 17 -14.84 -17.05 -5.30
C GLY C 17 -14.16 -15.73 -5.81
C GLY C 17 -14.26 -15.74 -5.78
N PHE C 18 -14.21 -14.75 -4.89
CA PHE C 18 -13.93 -13.38 -5.29
C PHE C 18 -12.49 -13.19 -5.81
N LEU C 19 -11.50 -13.75 -5.12
N LEU C 19 -11.50 -13.76 -5.14
CA LEU C 19 -10.12 -13.59 -5.58
CA LEU C 19 -10.13 -13.57 -5.59
C LEU C 19 -9.94 -14.23 -6.95
C LEU C 19 -9.87 -14.27 -6.92
N SER C 20 -10.50 -15.42 -7.14
CA SER C 20 -10.38 -16.08 -8.44
C SER C 20 -11.10 -15.30 -9.53
N GLU C 21 -12.26 -14.71 -9.21
CA GLU C 21 -12.97 -13.91 -10.19
C GLU C 21 -12.16 -12.68 -10.58
N LEU C 22 -11.61 -11.98 -9.60
CA LEU C 22 -10.75 -10.84 -9.92
C LEU C 22 -9.59 -11.24 -10.82
N THR C 23 -8.98 -12.39 -10.54
CA THR C 23 -7.84 -12.87 -11.32
C THR C 23 -8.24 -13.09 -12.78
N GLN C 24 -9.33 -13.81 -12.99
CA GLN C 24 -9.77 -14.12 -14.34
C GLN C 24 -10.21 -12.87 -15.08
N GLN C 25 -10.95 -11.99 -14.40
CA GLN C 25 -11.45 -10.80 -15.07
C GLN C 25 -10.32 -9.84 -15.41
N LEU C 26 -9.32 -9.72 -14.55
CA LEU C 26 -8.17 -8.88 -14.86
C LEU C 26 -7.32 -9.47 -15.99
N ALA C 27 -7.19 -10.80 -16.04
CA ALA C 27 -6.47 -11.39 -17.16
C ALA C 27 -7.17 -11.07 -18.47
N GLN C 28 -8.50 -11.15 -18.49
CA GLN C 28 -9.24 -10.83 -19.71
C GLN C 28 -9.07 -9.35 -20.07
N ALA C 29 -9.13 -8.46 -19.08
CA ALA C 29 -9.12 -7.03 -19.34
C ALA C 29 -7.75 -6.54 -19.77
N THR C 30 -6.68 -7.04 -19.14
CA THR C 30 -5.34 -6.59 -19.43
C THR C 30 -4.65 -7.40 -20.51
N GLY C 31 -5.16 -8.60 -20.82
CA GLY C 31 -4.46 -9.51 -21.70
C GLY C 31 -3.29 -10.23 -21.09
N LYS C 32 -3.00 -10.02 -19.82
CA LYS C 32 -1.87 -10.63 -19.15
C LYS C 32 -2.20 -12.04 -18.69
N PRO C 33 -1.20 -12.90 -18.53
CA PRO C 33 -1.48 -14.28 -18.12
C PRO C 33 -2.11 -14.33 -16.74
N PRO C 34 -3.18 -15.10 -16.57
CA PRO C 34 -3.76 -15.20 -15.22
C PRO C 34 -2.79 -15.78 -14.21
N GLN C 35 -1.87 -16.63 -14.67
CA GLN C 35 -0.86 -17.22 -13.80
C GLN C 35 -0.02 -16.16 -13.08
N TYR C 36 0.08 -14.96 -13.65
CA TYR C 36 0.99 -13.95 -13.13
C TYR C 36 0.24 -12.70 -12.68
N ILE C 37 -1.05 -12.85 -12.39
CA ILE C 37 -1.81 -11.80 -11.76
C ILE C 37 -1.97 -12.12 -10.28
N ALA C 38 -1.64 -11.15 -9.44
CA ALA C 38 -1.78 -11.27 -8.00
C ALA C 38 -2.90 -10.37 -7.52
N VAL C 39 -3.71 -10.88 -6.61
CA VAL C 39 -4.85 -10.16 -6.07
C VAL C 39 -4.84 -10.23 -4.56
N HIS C 40 -5.30 -9.16 -3.91
CA HIS C 40 -5.21 -9.02 -2.46
C HIS C 40 -6.42 -8.23 -1.99
N VAL C 41 -7.21 -8.80 -1.09
CA VAL C 41 -8.38 -8.13 -0.54
C VAL C 41 -8.19 -7.98 0.97
N VAL C 42 -8.44 -6.77 1.47
CA VAL C 42 -8.20 -6.45 2.88
C VAL C 42 -9.50 -5.89 3.44
N PRO C 43 -10.32 -6.73 4.07
CA PRO C 43 -11.60 -6.28 4.62
C PRO C 43 -11.45 -5.72 6.02
N ASP C 44 -12.57 -5.26 6.59
CA ASP C 44 -12.65 -4.86 8.00
C ASP C 44 -11.78 -3.64 8.31
N GLN C 45 -11.51 -2.79 7.33
CA GLN C 45 -10.61 -1.68 7.54
C GLN C 45 -11.30 -0.45 8.14
N LEU C 46 -10.51 0.32 8.88
N LEU C 46 -10.52 0.31 8.90
CA LEU C 46 -10.94 1.59 9.47
CA LEU C 46 -10.94 1.59 9.47
C LEU C 46 -10.68 2.67 8.42
C LEU C 46 -10.68 2.65 8.40
N MET C 47 -11.72 3.02 7.66
CA MET C 47 -11.55 3.98 6.59
C MET C 47 -12.84 4.75 6.40
N ALA C 48 -12.71 5.91 5.76
CA ALA C 48 -13.85 6.76 5.43
C ALA C 48 -13.61 7.36 4.06
N PHE C 49 -14.71 7.74 3.43
CA PHE C 49 -14.70 8.36 2.11
C PHE C 49 -15.62 9.57 2.22
N GLY C 50 -15.06 10.75 2.02
CA GLY C 50 -15.84 11.97 2.17
C GLY C 50 -16.36 12.18 3.57
N GLY C 51 -15.67 11.65 4.58
CA GLY C 51 -16.10 11.78 5.96
C GLY C 51 -17.12 10.76 6.42
N SER C 52 -17.57 9.87 5.53
CA SER C 52 -18.60 8.89 5.85
C SER C 52 -17.98 7.50 5.93
N SER C 53 -18.51 6.68 6.85
CA SER C 53 -18.05 5.31 7.02
C SER C 53 -18.98 4.29 6.33
N GLU C 54 -19.83 4.73 5.41
CA GLU C 54 -20.55 3.77 4.59
C GLU C 54 -19.54 2.96 3.77
N PRO C 55 -19.96 1.83 3.22
CA PRO C 55 -19.01 0.98 2.49
C PRO C 55 -18.24 1.75 1.43
N CYS C 56 -16.93 1.51 1.38
CA CYS C 56 -16.05 2.17 0.42
C CYS C 56 -14.86 1.26 0.14
N ALA C 57 -14.07 1.62 -0.87
CA ALA C 57 -12.90 0.82 -1.22
C ALA C 57 -11.80 1.71 -1.76
N LEU C 58 -10.56 1.43 -1.36
CA LEU C 58 -9.37 2.11 -1.83
C LEU C 58 -8.48 1.03 -2.45
N CYS C 59 -8.16 1.19 -3.73
CA CYS C 59 -7.57 0.11 -4.52
C CYS C 59 -6.36 0.61 -5.29
N SER C 60 -5.58 -0.36 -5.79
CA SER C 60 -4.51 -0.06 -6.72
C SER C 60 -4.39 -1.17 -7.75
N LEU C 61 -3.96 -0.78 -8.95
CA LEU C 61 -3.59 -1.73 -10.00
C LEU C 61 -2.23 -1.31 -10.54
N HIS C 62 -1.26 -2.21 -10.47
CA HIS C 62 0.06 -2.04 -11.05
C HIS C 62 0.23 -3.01 -12.22
N SER C 63 0.81 -2.54 -13.31
CA SER C 63 1.13 -3.40 -14.43
C SER C 63 2.30 -2.79 -15.20
N ILE C 64 3.09 -3.65 -15.86
CA ILE C 64 4.05 -3.17 -16.85
C ILE C 64 3.29 -3.02 -18.16
N GLY C 65 2.98 -1.78 -18.55
CA GLY C 65 2.12 -1.53 -19.68
C GLY C 65 0.68 -1.92 -19.39
N LYS C 66 -0.15 -1.83 -20.44
CA LYS C 66 -1.59 -2.04 -20.34
C LYS C 66 -2.26 -1.01 -19.41
N ILE C 67 -1.62 0.14 -19.21
CA ILE C 67 -2.13 1.22 -18.38
C ILE C 67 -2.16 2.48 -19.24
N GLY C 68 -3.29 3.17 -19.26
CA GLY C 68 -3.42 4.39 -20.04
C GLY C 68 -4.83 4.94 -19.89
N GLY C 69 -5.05 6.09 -20.51
CA GLY C 69 -6.32 6.78 -20.35
C GLY C 69 -7.54 5.93 -20.64
N ALA C 70 -7.60 5.35 -21.85
CA ALA C 70 -8.78 4.58 -22.23
C ALA C 70 -8.83 3.26 -21.47
N GLN C 71 -7.70 2.59 -21.34
CA GLN C 71 -7.68 1.32 -20.63
C GLN C 71 -8.12 1.50 -19.18
N ASN C 72 -7.66 2.57 -18.53
CA ASN C 72 -7.97 2.77 -17.11
C ASN C 72 -9.45 3.08 -16.92
N ARG C 73 -10.06 3.78 -17.88
CA ARG C 73 -11.52 3.96 -17.79
C ARG C 73 -12.23 2.62 -17.86
N SER C 74 -11.78 1.74 -18.75
CA SER C 74 -12.39 0.42 -18.88
C SER C 74 -12.17 -0.40 -17.63
N TYR C 75 -10.96 -0.37 -17.06
CA TYR C 75 -10.71 -1.12 -15.83
C TYR C 75 -11.56 -0.58 -14.70
N SER C 76 -11.78 0.73 -14.65
CA SER C 76 -12.57 1.28 -13.56
C SER C 76 -14.02 0.84 -13.64
N LYS C 77 -14.58 0.79 -14.85
CA LYS C 77 -15.94 0.28 -14.99
C LYS C 77 -16.00 -1.19 -14.59
N LEU C 78 -15.03 -1.99 -15.02
CA LEU C 78 -15.00 -3.40 -14.67
C LEU C 78 -14.91 -3.59 -13.17
N LEU C 79 -13.93 -2.90 -12.54
CA LEU C 79 -13.65 -3.14 -11.14
C LEU C 79 -14.72 -2.55 -10.24
N CYS C 80 -15.20 -1.33 -10.54
CA CYS C 80 -16.34 -0.80 -9.80
C CYS C 80 -17.55 -1.72 -9.94
N GLY C 81 -17.77 -2.27 -11.13
CA GLY C 81 -18.89 -3.18 -11.30
C GLY C 81 -18.78 -4.40 -10.41
N LEU C 82 -17.59 -4.99 -10.34
CA LEU C 82 -17.37 -6.15 -9.49
C LEU C 82 -17.53 -5.79 -8.01
N LEU C 83 -16.98 -4.65 -7.58
CA LEU C 83 -17.10 -4.27 -6.17
C LEU C 83 -18.55 -3.99 -5.80
N ALA C 84 -19.32 -3.42 -6.72
CA ALA C 84 -20.74 -3.15 -6.45
C ALA C 84 -21.51 -4.46 -6.37
N GLU C 85 -21.29 -5.35 -7.33
CA GLU C 85 -22.05 -6.59 -7.38
C GLU C 85 -21.68 -7.52 -6.24
N ARG C 86 -20.38 -7.68 -5.98
CA ARG C 86 -19.93 -8.69 -5.04
C ARG C 86 -19.83 -8.18 -3.61
N LEU C 87 -19.36 -6.94 -3.41
CA LEU C 87 -19.17 -6.40 -2.06
C LEU C 87 -20.22 -5.35 -1.69
N ARG C 88 -21.12 -5.00 -2.61
CA ARG C 88 -22.18 -4.03 -2.34
C ARG C 88 -21.62 -2.65 -2.00
N ILE C 89 -20.52 -2.28 -2.65
CA ILE C 89 -19.91 -0.96 -2.50
C ILE C 89 -20.33 -0.09 -3.69
N SER C 90 -20.89 1.08 -3.39
N SER C 90 -20.84 1.11 -3.42
N SER C 90 -20.90 1.06 -3.41
CA SER C 90 -21.33 1.97 -4.44
CA SER C 90 -21.23 2.00 -4.51
CA SER C 90 -21.34 1.96 -4.47
C SER C 90 -20.11 2.49 -5.21
C SER C 90 -20.01 2.50 -5.27
C SER C 90 -20.14 2.63 -5.14
N PRO C 91 -20.26 2.69 -6.52
N PRO C 91 -20.05 2.55 -6.62
CA PRO C 91 -19.11 3.11 -7.33
CA PRO C 91 -18.86 2.96 -7.38
C PRO C 91 -18.60 4.50 -7.00
C PRO C 91 -18.32 4.35 -7.04
N ASP C 92 -19.45 5.38 -6.45
N ASP C 92 -19.18 5.27 -6.61
CA ASP C 92 -19.03 6.71 -6.06
CA ASP C 92 -18.74 6.61 -6.26
C ASP C 92 -18.10 6.70 -4.84
C ASP C 92 -18.05 6.67 -4.90
N ARG C 93 -17.90 5.54 -4.22
CA ARG C 93 -17.11 5.41 -3.01
C ARG C 93 -15.93 4.46 -3.22
N VAL C 94 -15.46 4.39 -4.47
CA VAL C 94 -14.30 3.58 -4.84
C VAL C 94 -13.25 4.49 -5.48
N TYR C 95 -12.01 4.40 -5.00
CA TYR C 95 -10.87 4.99 -5.67
C TYR C 95 -9.89 3.89 -6.08
N ILE C 96 -9.30 4.04 -7.28
CA ILE C 96 -8.29 3.10 -7.78
C ILE C 96 -7.10 3.90 -8.26
N ASN C 97 -5.94 3.68 -7.67
CA ASN C 97 -4.70 4.25 -8.19
C ASN C 97 -4.10 3.29 -9.23
N TYR C 98 -3.86 3.78 -10.44
CA TYR C 98 -3.23 3.02 -11.51
C TYR C 98 -1.76 3.40 -11.61
N TYR C 99 -0.90 2.39 -11.79
CA TYR C 99 0.55 2.60 -11.92
C TYR C 99 1.04 1.85 -13.15
N ASP C 100 1.57 2.61 -14.10
CA ASP C 100 2.27 2.07 -15.27
C ASP C 100 3.73 1.88 -14.84
N MET C 101 4.10 0.66 -14.44
CA MET C 101 5.42 0.40 -13.91
C MET C 101 6.43 0.13 -15.02
N ASN C 102 7.61 0.70 -14.88
CA ASN C 102 8.71 0.35 -15.77
C ASN C 102 9.17 -1.08 -15.47
N ALA C 103 9.50 -1.83 -16.53
CA ALA C 103 9.95 -3.21 -16.36
C ALA C 103 11.13 -3.32 -15.42
N ALA C 104 11.98 -2.30 -15.36
CA ALA C 104 13.13 -2.31 -14.48
C ALA C 104 12.75 -2.13 -13.01
N ASN C 105 11.53 -1.67 -12.74
CA ASN C 105 11.09 -1.32 -11.40
C ASN C 105 10.09 -2.31 -10.80
N VAL C 106 10.02 -3.53 -11.34
CA VAL C 106 9.19 -4.60 -10.77
C VAL C 106 10.08 -5.81 -10.55
N GLY C 107 10.20 -6.21 -9.29
CA GLY C 107 10.90 -7.43 -8.92
C GLY C 107 9.97 -8.63 -8.93
N TRP C 108 10.52 -9.76 -9.37
N TRP C 108 10.55 -9.78 -9.28
CA TRP C 108 9.84 -11.04 -9.40
CA TRP C 108 9.82 -11.03 -9.46
C TRP C 108 10.91 -12.10 -9.56
C TRP C 108 10.85 -12.13 -9.63
N ASN C 109 10.75 -13.23 -8.89
CA ASN C 109 11.54 -14.42 -9.21
C ASN C 109 13.04 -14.11 -9.28
N ASN C 110 13.55 -13.42 -8.27
CA ASN C 110 14.97 -13.15 -8.04
C ASN C 110 15.53 -12.06 -8.95
N SER C 111 14.74 -11.42 -9.80
CA SER C 111 15.25 -10.40 -10.72
C SER C 111 14.11 -9.41 -11.00
N THR C 112 14.21 -8.70 -12.13
CA THR C 112 13.15 -7.81 -12.60
C THR C 112 12.72 -8.24 -13.99
N PHE C 113 12.22 -7.31 -14.80
N PHE C 113 12.20 -7.31 -14.80
CA PHE C 113 11.82 -7.63 -16.16
CA PHE C 113 11.78 -7.59 -16.16
C PHE C 113 12.58 -6.79 -17.19
C PHE C 113 12.63 -6.87 -17.19
N ALA C 114 13.71 -6.19 -16.77
CA ALA C 114 14.55 -5.43 -17.70
C ALA C 114 15.99 -5.83 -17.60
C4 C9G D . -12.74 16.06 -7.04
C5 C9G D . -11.76 15.13 -6.76
C6 C9G D . -10.44 15.58 -6.71
N1 C9G D . -8.04 12.97 -6.03
C7 C9G D . -9.32 14.66 -6.47
C8 C9G D . -9.33 13.31 -6.21
N2 C9G D . -7.24 14.06 -6.18
C9 C9G D . -7.47 11.70 -5.73
C10 C9G D . -6.21 11.37 -6.20
C11 C9G D . -5.69 10.11 -5.95
C12 C9G D . -6.43 9.18 -5.23
N3 C9G D . -8.02 15.07 -6.45
C13 C9G D . -7.69 9.52 -4.75
C14 C9G D . -8.20 10.77 -5.00
C15 C9G D . -11.08 17.75 -7.18
N4 C9G D . -10.09 16.86 -6.91
N C9G D . -11.66 20.03 -7.68
C C9G D . -11.28 21.43 -7.92
O C9G D . -5.95 7.93 -4.97
C1 C9G D . -12.98 19.68 -7.76
C16 C9G D . -10.64 19.14 -7.39
C2 C9G D . -13.39 18.42 -7.55
C3 C9G D . -12.43 17.40 -7.26
O1 C9G D . -9.49 19.53 -7.30
S SO4 E . 4.86 24.22 -4.25
O1 SO4 E . 4.86 23.72 -5.62
O2 SO4 E . 6.24 24.50 -3.84
O3 SO4 E . 4.31 23.19 -3.36
O4 SO4 E . 4.08 25.45 -4.19
C1 GOL F . 17.66 8.72 12.82
O1 GOL F . 18.65 8.77 13.83
C2 GOL F . 16.29 8.96 13.46
O2 GOL F . 16.02 10.32 13.69
C3 GOL F . 15.17 8.30 12.67
O3 GOL F . 14.15 8.15 13.62
C4 C9G G . 18.47 9.84 5.59
C5 C9G G . 17.36 9.32 4.97
C6 C9G G . 17.52 8.80 3.68
N1 C9G G . 14.45 7.59 2.24
C7 C9G G . 16.37 8.26 2.92
C8 C9G G . 15.08 8.08 3.32
N2 C9G G . 15.31 7.44 1.20
C9 C9G G . 13.07 7.20 2.10
C10 C9G G . 12.44 7.31 0.87
C11 C9G G . 11.09 7.00 0.76
C12 C9G G . 10.39 6.58 1.87
N3 C9G G . 16.48 7.86 1.62
C13 C9G G . 11.01 6.48 3.10
C14 C9G G . 12.36 6.78 3.21
C15 C9G G . 19.77 9.31 3.65
N4 C9G G . 18.69 8.80 3.03
N C9G G . 22.13 9.81 3.55
C C9G G . 23.39 9.85 2.82
O C9G G . 9.06 6.26 1.78
C1 C9G G . 22.06 10.33 4.83
C16 C9G G . 21.02 9.26 2.89
C2 C9G G . 20.93 10.37 5.52
C3 C9G G . 19.71 9.85 4.95
O1 C9G G . 21.14 8.82 1.76
S SO4 H . 19.61 2.62 -15.14
O1 SO4 H . 19.76 1.26 -15.70
O2 SO4 H . 20.83 3.38 -15.38
O3 SO4 H . 18.46 3.26 -15.79
O4 SO4 H . 19.39 2.47 -13.70
C4 C9G I . 4.55 -12.39 -16.46
C5 C9G I . 4.39 -11.25 -15.70
C6 C9G I . 3.92 -10.11 -16.33
N1 C9G I . 3.49 -7.37 -14.03
C7 C9G I . 3.71 -8.86 -15.57
C8 C9G I . 3.75 -8.68 -14.22
N2 C9G I . 3.28 -6.75 -15.21
C9 C9G I . 3.41 -6.67 -12.79
C10 C9G I . 3.72 -5.32 -12.72
C11 C9G I . 3.72 -4.67 -11.50
C12 C9G I . 3.41 -5.37 -10.33
N3 C9G I . 3.42 -7.66 -16.16
C13 C9G I . 3.08 -6.72 -10.42
C14 C9G I . 3.08 -7.36 -11.63
C15 C9G I . 3.78 -11.19 -18.36
N4 C9G I . 3.60 -10.07 -17.63
N C9G I . 3.66 -12.26 -20.53
C C9G I . 3.38 -12.22 -21.96
O C9G I . 3.42 -4.80 -9.09
C1 C9G I . 4.13 -13.42 -19.97
C16 C9G I . 3.44 -11.09 -19.79
C2 C9G I . 4.43 -13.52 -18.67
C3 C9G I . 4.26 -12.38 -17.81
O1 C9G I . 3.02 -10.08 -20.33
S SO4 J . -4.83 4.11 -23.74
O1 SO4 J . -3.39 4.36 -23.72
O2 SO4 J . -5.12 3.33 -24.94
O3 SO4 J . -5.56 5.37 -23.77
O4 SO4 J . -5.18 3.31 -22.56
S SO4 K . -11.56 -16.85 -3.22
O1 SO4 K . -10.30 -17.22 -2.60
O2 SO4 K . -11.40 -17.02 -4.64
O3 SO4 K . -12.77 -17.59 -2.66
O4 SO4 K . -11.82 -15.48 -2.82
#